data_8VGD
#
_entry.id   8VGD
#
_cell.length_a   49.010
_cell.length_b   49.010
_cell.length_c   62.640
_cell.angle_alpha   90.00
_cell.angle_beta   90.00
_cell.angle_gamma   90.00
#
_symmetry.space_group_name_H-M   'P 41'
#
loop_
_entity.id
_entity.type
_entity.pdbx_description
1 polymer 'Biopolymer transport protein ExbD'
2 polymer GLN-PRO-ILE-SER-VAL-THR-MET-VAL-THR
3 water water
#
loop_
_entity_poly.entity_id
_entity_poly.type
_entity_poly.pdbx_seq_one_letter_code
_entity_poly.pdbx_strand_id
1 'polypeptide(L)'
;RPEKPVYLSVKADNSMFIGNDPVTDETMITALNALTEGKKDTTIFFRADKTVDYETLMKVMDTLHQAGYLKIGLVGEETA
KAK
;
A,B
2 'polypeptide(L)' QPISVTMVT P
#
# COMPACT_ATOMS: atom_id res chain seq x y z
N GLU A 3 -4.43 -5.68 -20.39
CA GLU A 3 -4.24 -7.10 -20.13
C GLU A 3 -4.76 -7.46 -18.74
N LYS A 4 -4.94 -8.74 -18.50
CA LYS A 4 -5.77 -9.17 -17.39
C LYS A 4 -5.02 -8.94 -16.08
N PRO A 5 -5.63 -8.30 -15.08
CA PRO A 5 -4.92 -8.07 -13.82
C PRO A 5 -4.58 -9.37 -13.10
N VAL A 6 -3.53 -9.32 -12.29
CA VAL A 6 -3.09 -10.43 -11.46
C VAL A 6 -3.29 -10.10 -10.00
N TYR A 7 -3.77 -11.08 -9.22
CA TYR A 7 -4.02 -10.92 -7.80
C TYR A 7 -2.92 -11.64 -7.06
N LEU A 8 -2.24 -10.90 -6.19
CA LEU A 8 -1.19 -11.43 -5.33
C LEU A 8 -1.75 -11.44 -3.92
N SER A 9 -1.78 -12.61 -3.30
CA SER A 9 -2.36 -12.75 -1.98
C SER A 9 -1.28 -13.14 -1.00
N VAL A 10 -1.30 -12.52 0.18
CA VAL A 10 -0.43 -12.88 1.27
C VAL A 10 -1.29 -13.28 2.47
N LYS A 11 -1.04 -14.47 3.03
CA LYS A 11 -1.87 -14.99 4.11
C LYS A 11 -1.20 -14.75 5.45
N ALA A 12 -1.96 -14.94 6.51
CA ALA A 12 -1.49 -14.68 7.87
C ALA A 12 -0.23 -15.48 8.19
N ASP A 13 -0.14 -16.72 7.68
CA ASP A 13 1.04 -17.56 7.79
C ASP A 13 2.19 -17.08 6.91
N ASN A 14 2.08 -15.90 6.28
CA ASN A 14 3.03 -15.33 5.33
C ASN A 14 3.16 -16.14 4.03
N SER A 15 2.42 -17.24 3.89
CA SER A 15 2.30 -17.85 2.57
C SER A 15 1.81 -16.84 1.55
N MET A 16 2.34 -16.94 0.35
CA MET A 16 2.07 -16.00 -0.73
C MET A 16 1.65 -16.74 -1.98
N PHE A 17 0.79 -16.10 -2.76
CA PHE A 17 0.27 -16.69 -3.99
C PHE A 17 0.18 -15.63 -5.07
N ILE A 18 0.50 -16.03 -6.31
CA ILE A 18 0.22 -15.27 -7.52
C ILE A 18 -0.92 -16.02 -8.18
N GLY A 19 -2.09 -15.41 -8.24
CA GLY A 19 -3.27 -16.19 -8.58
C GLY A 19 -3.42 -17.33 -7.59
N ASN A 20 -3.40 -18.57 -8.09
CA ASN A 20 -3.43 -19.73 -7.21
C ASN A 20 -2.04 -20.38 -6.99
N ASP A 21 -1.00 -19.84 -7.62
CA ASP A 21 0.33 -20.42 -7.63
C ASP A 21 1.07 -20.01 -6.36
N PRO A 22 1.56 -20.97 -5.52
CA PRO A 22 2.40 -20.58 -4.37
C PRO A 22 3.69 -19.94 -4.87
N VAL A 23 4.08 -18.85 -4.25
CA VAL A 23 5.33 -18.16 -4.56
C VAL A 23 6.03 -17.73 -3.28
N THR A 24 7.33 -17.41 -3.43
CA THR A 24 8.14 -16.78 -2.41
C THR A 24 8.85 -15.59 -3.06
N ASP A 25 9.52 -14.76 -2.25
CA ASP A 25 10.20 -13.58 -2.80
C ASP A 25 11.13 -13.93 -3.97
N GLU A 26 11.83 -15.08 -3.91
CA GLU A 26 12.81 -15.48 -4.90
C GLU A 26 12.20 -16.04 -6.19
N THR A 27 10.90 -16.44 -6.15
CA THR A 27 10.25 -17.03 -7.33
C THR A 27 9.10 -16.17 -7.85
N MET A 28 8.72 -15.10 -7.15
CA MET A 28 7.50 -14.39 -7.51
CA MET A 28 7.47 -14.45 -7.54
C MET A 28 7.54 -13.76 -8.91
N ILE A 29 8.70 -13.21 -9.30
CA ILE A 29 8.74 -12.49 -10.58
C ILE A 29 8.69 -13.47 -11.75
N THR A 30 9.34 -14.62 -11.62
CA THR A 30 9.18 -15.65 -12.65
C THR A 30 7.74 -16.09 -12.79
N ALA A 31 7.06 -16.34 -11.65
CA ALA A 31 5.67 -16.77 -11.73
C ALA A 31 4.79 -15.69 -12.34
N LEU A 32 5.04 -14.44 -11.98
CA LEU A 32 4.26 -13.35 -12.49
C LEU A 32 4.47 -13.17 -13.99
N ASN A 33 5.72 -13.31 -14.46
CA ASN A 33 5.99 -13.14 -15.87
C ASN A 33 5.32 -14.20 -16.72
N ALA A 34 5.05 -15.38 -16.14
CA ALA A 34 4.31 -16.41 -16.83
C ALA A 34 2.90 -15.93 -17.16
N LEU A 35 2.35 -15.06 -16.30
CA LEU A 35 0.97 -14.61 -16.49
C LEU A 35 0.91 -13.35 -17.30
N THR A 36 1.86 -12.46 -17.13
CA THR A 36 1.83 -11.17 -17.81
C THR A 36 2.58 -11.16 -19.14
N GLU A 37 3.30 -12.23 -19.47
CA GLU A 37 4.19 -12.23 -20.61
C GLU A 37 5.11 -11.03 -20.60
N GLY A 38 5.55 -10.62 -19.41
CA GLY A 38 6.42 -9.48 -19.23
C GLY A 38 5.83 -8.10 -19.46
N LYS A 39 4.52 -7.98 -19.54
CA LYS A 39 3.89 -6.69 -19.81
C LYS A 39 3.82 -5.91 -18.49
N LYS A 40 4.68 -4.90 -18.35
CA LYS A 40 4.83 -4.23 -17.05
C LYS A 40 3.65 -3.32 -16.72
N ASP A 41 2.82 -2.96 -17.70
CA ASP A 41 1.60 -2.18 -17.48
C ASP A 41 0.44 -3.02 -16.93
N THR A 42 0.62 -4.32 -16.72
CA THR A 42 -0.45 -5.11 -16.15
C THR A 42 -0.71 -4.67 -14.71
N THR A 43 -1.97 -4.51 -14.35
CA THR A 43 -2.30 -4.14 -12.99
C THR A 43 -2.10 -5.31 -12.03
N ILE A 44 -1.41 -5.04 -10.92
CA ILE A 44 -1.21 -6.05 -9.86
C ILE A 44 -2.08 -5.63 -8.68
N PHE A 45 -2.98 -6.49 -8.24
CA PHE A 45 -3.81 -6.21 -7.06
C PHE A 45 -3.23 -7.01 -5.90
N PHE A 46 -2.88 -6.33 -4.82
CA PHE A 46 -2.32 -6.93 -3.60
C PHE A 46 -3.43 -7.06 -2.55
N ARG A 47 -3.62 -8.25 -2.05
CA ARG A 47 -4.56 -8.49 -0.95
C ARG A 47 -3.83 -9.28 0.13
N ALA A 48 -4.14 -9.00 1.38
CA ALA A 48 -3.48 -9.67 2.46
C ALA A 48 -4.45 -9.87 3.62
N ASP A 49 -4.17 -10.89 4.40
CA ASP A 49 -4.93 -11.12 5.60
C ASP A 49 -4.76 -9.92 6.53
N LYS A 50 -5.76 -9.66 7.34
CA LYS A 50 -5.74 -8.43 8.12
C LYS A 50 -4.52 -8.36 9.03
N THR A 51 -3.98 -9.49 9.41
CA THR A 51 -2.87 -9.57 10.34
C THR A 51 -1.49 -9.45 9.70
N VAL A 52 -1.40 -9.39 8.38
CA VAL A 52 -0.10 -9.34 7.75
C VAL A 52 0.54 -8.01 8.07
N ASP A 53 1.83 -8.01 8.41
CA ASP A 53 2.42 -6.74 8.81
C ASP A 53 3.11 -5.97 7.68
N TYR A 54 3.29 -4.66 7.95
CA TYR A 54 3.79 -3.71 6.96
C TYR A 54 5.16 -4.14 6.44
N GLU A 55 6.02 -4.70 7.28
CA GLU A 55 7.32 -5.15 6.76
C GLU A 55 7.12 -6.15 5.63
N THR A 56 6.22 -7.11 5.81
CA THR A 56 5.96 -8.12 4.78
C THR A 56 5.43 -7.46 3.51
N LEU A 57 4.44 -6.59 3.67
CA LEU A 57 3.91 -5.85 2.55
C LEU A 57 5.02 -5.15 1.78
N MET A 58 5.91 -4.44 2.50
CA MET A 58 7.00 -3.70 1.85
C MET A 58 8.02 -4.59 1.17
N LYS A 59 8.31 -5.76 1.74
CA LYS A 59 9.21 -6.68 1.02
C LYS A 59 8.62 -7.13 -0.33
N VAL A 60 7.31 -7.42 -0.37
CA VAL A 60 6.65 -7.81 -1.61
C VAL A 60 6.62 -6.65 -2.57
N MET A 61 6.25 -5.45 -2.06
CA MET A 61 6.17 -4.30 -2.93
C MET A 61 7.52 -3.98 -3.54
N ASP A 62 8.59 -4.11 -2.77
CA ASP A 62 9.92 -3.82 -3.28
C ASP A 62 10.34 -4.80 -4.37
N THR A 63 9.99 -6.06 -4.23
CA THR A 63 10.31 -7.03 -5.29
C THR A 63 9.59 -6.67 -6.58
N LEU A 64 8.30 -6.32 -6.48
CA LEU A 64 7.58 -5.95 -7.68
C LEU A 64 8.19 -4.67 -8.29
N HIS A 65 8.47 -3.69 -7.43
CA HIS A 65 8.98 -2.41 -7.90
C HIS A 65 10.33 -2.56 -8.60
N GLN A 66 11.26 -3.32 -8.01
CA GLN A 66 12.57 -3.48 -8.65
C GLN A 66 12.46 -4.22 -9.98
N ALA A 67 11.42 -5.03 -10.15
CA ALA A 67 11.16 -5.73 -11.41
C ALA A 67 10.45 -4.86 -12.44
N GLY A 68 9.98 -3.69 -12.07
CA GLY A 68 9.35 -2.78 -13.00
C GLY A 68 7.86 -2.90 -13.03
N TYR A 69 7.25 -3.58 -12.06
CA TYR A 69 5.79 -3.66 -12.00
C TYR A 69 5.34 -2.51 -11.11
N LEU A 70 4.83 -1.45 -11.74
CA LEU A 70 4.55 -0.19 -11.04
C LEU A 70 3.06 0.16 -10.89
N LYS A 71 2.15 -0.62 -11.45
CA LYS A 71 0.71 -0.36 -11.41
C LYS A 71 0.14 -1.29 -10.35
N ILE A 72 0.08 -0.81 -9.11
CA ILE A 72 -0.31 -1.62 -7.95
CA ILE A 72 -0.32 -1.62 -7.96
C ILE A 72 -1.56 -1.04 -7.33
N GLY A 73 -2.54 -1.91 -7.06
CA GLY A 73 -3.71 -1.55 -6.29
C GLY A 73 -3.79 -2.39 -5.04
N LEU A 74 -4.05 -1.73 -3.90
CA LEU A 74 -4.28 -2.47 -2.65
C LEU A 74 -5.76 -2.79 -2.51
N VAL A 75 -6.07 -4.03 -2.14
CA VAL A 75 -7.46 -4.44 -1.94
C VAL A 75 -7.60 -5.02 -0.53
N GLY A 76 -8.79 -4.84 0.05
CA GLY A 76 -9.04 -5.25 1.42
C GLY A 76 -10.52 -5.38 1.77
N LYS B 4 3.40 20.85 -1.29
CA LYS B 4 4.40 20.22 -0.42
C LYS B 4 3.88 18.90 0.17
N PRO B 5 4.65 17.79 0.06
CA PRO B 5 4.11 16.50 0.53
C PRO B 5 3.96 16.39 2.05
N VAL B 6 3.03 15.57 2.47
CA VAL B 6 2.74 15.33 3.89
C VAL B 6 3.06 13.90 4.24
N TYR B 7 3.68 13.69 5.40
CA TYR B 7 4.03 12.38 5.89
C TYR B 7 3.06 11.97 6.97
N LEU B 8 2.43 10.82 6.77
CA LEU B 8 1.52 10.19 7.73
C LEU B 8 2.24 8.99 8.32
N SER B 9 2.38 8.98 9.64
CA SER B 9 3.12 7.93 10.33
C SER B 9 2.16 7.15 11.21
N VAL B 10 2.25 5.81 11.16
CA VAL B 10 1.49 4.94 12.08
C VAL B 10 2.47 4.12 12.90
N LYS B 11 2.36 4.18 14.22
CA LYS B 11 3.32 3.53 15.08
C LYS B 11 2.79 2.17 15.53
N ALA B 12 3.68 1.38 16.11
CA ALA B 12 3.35 0.02 16.56
C ALA B 12 2.14 -0.03 17.48
N ASP B 13 1.99 0.95 18.36
CA ASP B 13 0.84 1.01 19.26
C ASP B 13 -0.38 1.58 18.59
N ASN B 14 -0.32 1.76 17.27
CA ASN B 14 -1.38 2.30 16.44
C ASN B 14 -1.58 3.80 16.60
N SER B 15 -0.77 4.48 17.42
CA SER B 15 -0.83 5.94 17.36
C SER B 15 -0.42 6.44 15.97
N MET B 16 -1.02 7.54 15.59
CA MET B 16 -0.90 8.07 14.24
C MET B 16 -0.60 9.55 14.27
N PHE B 17 0.11 10.00 13.24
CA PHE B 17 0.54 11.39 13.16
C PHE B 17 0.47 11.86 11.72
N ILE B 18 0.03 13.11 11.54
CA ILE B 18 0.14 13.87 10.28
C ILE B 18 1.24 14.88 10.56
N GLY B 19 2.36 14.76 9.89
CA GLY B 19 3.51 15.54 10.34
C GLY B 19 3.87 15.11 11.75
N ASN B 20 3.94 16.08 12.67
CA ASN B 20 4.12 15.80 14.10
C ASN B 20 2.81 15.90 14.90
N ASP B 21 1.68 16.08 14.23
CA ASP B 21 0.38 16.28 14.86
C ASP B 21 -0.25 14.93 15.13
N PRO B 22 -0.56 14.56 16.39
CA PRO B 22 -1.30 13.32 16.64
C PRO B 22 -2.68 13.40 16.00
N VAL B 23 -3.08 12.32 15.37
CA VAL B 23 -4.40 12.24 14.75
C VAL B 23 -5.03 10.89 15.01
N THR B 24 -6.33 10.82 14.79
CA THR B 24 -7.02 9.56 14.75
C THR B 24 -7.89 9.51 13.49
N ASP B 25 -8.53 8.36 13.23
CA ASP B 25 -9.29 8.28 11.98
C ASP B 25 -10.35 9.37 11.86
N GLU B 26 -10.92 9.83 12.98
CA GLU B 26 -12.00 10.79 12.95
C GLU B 26 -11.52 12.25 12.85
N THR B 27 -10.24 12.50 13.11
CA THR B 27 -9.67 13.85 13.02
C THR B 27 -8.64 14.01 11.90
N MET B 28 -8.27 12.92 11.22
CA MET B 28 -7.13 12.98 10.31
CA MET B 28 -7.10 13.05 10.35
C MET B 28 -7.36 13.93 9.14
N ILE B 29 -8.57 13.96 8.61
CA ILE B 29 -8.78 14.76 7.40
C ILE B 29 -8.80 16.25 7.73
N THR B 30 -9.37 16.65 8.87
CA THR B 30 -9.24 18.04 9.30
C THR B 30 -7.80 18.43 9.47
N ALA B 31 -7.00 17.56 10.12
CA ALA B 31 -5.62 17.91 10.34
C ALA B 31 -4.87 18.01 9.01
N LEU B 32 -5.16 17.11 8.07
CA LEU B 32 -4.48 17.15 6.81
C LEU B 32 -4.87 18.40 6.03
N ASN B 33 -6.15 18.75 6.03
CA ASN B 33 -6.60 19.93 5.27
C ASN B 33 -5.93 21.20 5.75
N ALA B 34 -5.51 21.22 7.03
CA ALA B 34 -4.81 22.38 7.56
C ALA B 34 -3.45 22.53 6.90
N LEU B 35 -2.86 21.42 6.43
CA LEU B 35 -1.54 21.45 5.79
C LEU B 35 -1.67 21.60 4.29
N THR B 36 -2.68 20.99 3.69
CA THR B 36 -2.81 21.01 2.24
C THR B 36 -3.67 22.14 1.73
N GLU B 37 -4.38 22.85 2.61
CA GLU B 37 -5.33 23.85 2.17
C GLU B 37 -6.32 23.22 1.18
N GLY B 38 -6.58 21.92 1.40
CA GLY B 38 -7.56 21.22 0.59
C GLY B 38 -7.10 20.82 -0.79
N LYS B 39 -5.81 20.88 -1.09
CA LYS B 39 -5.28 20.56 -2.41
C LYS B 39 -5.10 19.05 -2.51
N LYS B 40 -6.03 18.39 -3.18
CA LYS B 40 -6.03 16.92 -3.16
C LYS B 40 -4.96 16.32 -4.06
N ASP B 41 -4.24 17.10 -4.87
CA ASP B 41 -3.09 16.59 -5.59
C ASP B 41 -1.81 16.57 -4.74
N THR B 42 -1.89 16.95 -3.49
CA THR B 42 -0.72 16.92 -2.61
C THR B 42 -0.34 15.46 -2.38
N THR B 43 0.94 15.15 -2.50
CA THR B 43 1.38 13.78 -2.30
C THR B 43 1.37 13.42 -0.81
N ILE B 44 0.80 12.28 -0.46
CA ILE B 44 0.78 11.79 0.93
C ILE B 44 1.72 10.61 1.00
N PHE B 45 2.73 10.66 1.86
CA PHE B 45 3.64 9.54 2.06
C PHE B 45 3.21 8.85 3.35
N PHE B 46 2.93 7.55 3.30
CA PHE B 46 2.55 6.72 4.42
C PHE B 46 3.78 5.96 4.92
N ARG B 47 4.12 6.12 6.20
CA ARG B 47 5.21 5.36 6.79
C ARG B 47 4.62 4.61 8.00
N ALA B 48 5.09 3.41 8.29
CA ALA B 48 4.56 2.70 9.44
C ALA B 48 5.65 1.83 10.06
N ASP B 49 5.48 1.53 11.33
CA ASP B 49 6.37 0.59 11.98
C ASP B 49 6.18 -0.78 11.36
N LYS B 50 7.23 -1.59 11.45
CA LYS B 50 7.24 -2.86 10.73
C LYS B 50 6.10 -3.75 11.16
N THR B 51 5.63 -3.60 12.39
CA THR B 51 4.61 -4.49 12.89
C THR B 51 3.17 -4.03 12.68
N VAL B 52 2.95 -2.85 12.09
CA VAL B 52 1.60 -2.38 11.83
C VAL B 52 0.88 -3.33 10.90
N ASP B 53 -0.34 -3.71 11.26
CA ASP B 53 -1.09 -4.68 10.48
C ASP B 53 -1.73 -4.06 9.21
N TYR B 54 -1.99 -4.93 8.22
CA TYR B 54 -2.65 -4.51 6.97
C TYR B 54 -4.03 -3.93 7.23
N GLU B 55 -4.76 -4.49 8.20
CA GLU B 55 -6.05 -3.91 8.55
C GLU B 55 -5.91 -2.43 8.87
N THR B 56 -4.93 -2.09 9.70
CA THR B 56 -4.72 -0.69 10.10
C THR B 56 -4.38 0.16 8.88
N LEU B 57 -3.43 -0.33 8.06
CA LEU B 57 -3.07 0.40 6.86
C LEU B 57 -4.31 0.68 6.03
N MET B 58 -5.15 -0.33 5.81
CA MET B 58 -6.32 -0.15 4.97
C MET B 58 -7.38 0.77 5.56
N LYS B 59 -7.55 0.78 6.88
CA LYS B 59 -8.44 1.76 7.48
C LYS B 59 -7.99 3.19 7.22
N VAL B 60 -6.67 3.44 7.31
CA VAL B 60 -6.13 4.77 7.01
C VAL B 60 -6.23 5.10 5.52
N MET B 61 -5.88 4.13 4.64
CA MET B 61 -5.96 4.36 3.23
C MET B 61 -7.39 4.69 2.84
N ASP B 62 -8.36 3.97 3.41
CA ASP B 62 -9.75 4.23 3.04
C ASP B 62 -10.21 5.63 3.47
N THR B 63 -9.77 6.10 4.63
CA THR B 63 -10.14 7.44 5.05
C THR B 63 -9.58 8.49 4.10
N LEU B 64 -8.32 8.32 3.72
CA LEU B 64 -7.75 9.26 2.75
C LEU B 64 -8.49 9.18 1.43
N HIS B 65 -8.76 7.96 0.97
CA HIS B 65 -9.41 7.75 -0.32
C HIS B 65 -10.79 8.36 -0.38
N GLN B 66 -11.63 8.11 0.66
CA GLN B 66 -12.96 8.68 0.66
C GLN B 66 -12.92 10.20 0.70
N ALA B 67 -11.87 10.81 1.22
CA ALA B 67 -11.72 12.25 1.22
C ALA B 67 -11.15 12.82 -0.07
N GLY B 68 -10.76 11.97 -1.00
CA GLY B 68 -10.25 12.45 -2.27
C GLY B 68 -8.76 12.61 -2.35
N TYR B 69 -8.01 12.11 -1.38
CA TYR B 69 -6.55 12.20 -1.42
C TYR B 69 -6.09 10.89 -2.05
N LEU B 70 -5.71 11.00 -3.32
CA LEU B 70 -5.45 9.83 -4.17
C LEU B 70 -3.98 9.62 -4.58
N LYS B 71 -3.09 10.51 -4.24
CA LYS B 71 -1.70 10.46 -4.62
C LYS B 71 -0.94 10.00 -3.39
N ILE B 72 -0.83 8.67 -3.22
CA ILE B 72 -0.24 8.06 -2.05
CA ILE B 72 -0.26 8.01 -2.05
C ILE B 72 1.03 7.29 -2.42
N GLY B 73 2.07 7.51 -1.62
CA GLY B 73 3.30 6.73 -1.71
C GLY B 73 3.58 6.01 -0.42
N LEU B 74 3.90 4.72 -0.52
CA LEU B 74 4.31 3.99 0.68
C LEU B 74 5.81 4.09 0.87
N VAL B 75 6.23 4.35 2.10
CA VAL B 75 7.65 4.36 2.44
C VAL B 75 7.91 3.27 3.49
N GLN C 1 12.38 6.27 -2.08
CA GLN C 1 12.06 4.98 -2.67
C GLN C 1 10.60 4.58 -2.47
N PRO C 2 9.67 5.51 -2.68
CA PRO C 2 8.27 5.18 -2.43
C PRO C 2 7.69 4.21 -3.46
N ILE C 3 6.61 3.55 -3.06
CA ILE C 3 5.80 2.75 -3.99
C ILE C 3 4.44 3.44 -4.06
N SER C 4 3.99 3.80 -5.24
CA SER C 4 2.68 4.36 -5.36
CA SER C 4 2.67 4.38 -5.37
C SER C 4 1.62 3.29 -5.34
N VAL C 5 0.52 3.54 -4.66
CA VAL C 5 -0.62 2.66 -4.70
C VAL C 5 -1.96 3.32 -4.91
N THR C 6 -2.80 2.61 -5.58
CA THR C 6 -4.20 2.93 -5.60
C THR C 6 -4.82 2.04 -4.60
N MET C 7 -5.85 2.51 -3.98
CA MET C 7 -6.72 1.62 -3.28
C MET C 7 -7.93 1.36 -4.14
N VAL C 8 -8.36 0.11 -4.22
CA VAL C 8 -9.61 -0.17 -4.90
C VAL C 8 -10.74 -0.50 -3.93
N THR C 9 -11.96 -0.35 -4.41
CA THR C 9 -13.17 -0.73 -3.69
C THR C 9 -14.21 -1.24 -4.69
#